data_8OHF
#
_entry.id   8OHF
#
_cell.length_a   118.930
_cell.length_b   39.130
_cell.length_c   68.200
_cell.angle_alpha   90.000
_cell.angle_beta   95.540
_cell.angle_gamma   90.000
#
_symmetry.space_group_name_H-M   'C 1 2 1'
#
loop_
_entity.id
_entity.type
_entity.pdbx_description
1 polymer 'Cyclic di-AMP synthase CdaA'
2 non-polymer N-[(4-bromo-3-methylphenyl)methyl]-2-(methylsulfonyl)ethan-1-amine
3 non-polymer 'MAGNESIUM ION'
4 water water
#
_entity_poly.entity_id   1
_entity_poly.type   'polypeptide(L)'
_entity_poly.pdbx_seq_one_letter_code
;GPTPVEEAQQKTIEAITKAINYMAKRRIGALLTIERDTGMGDYIETGIPLNAKVSSELLINIFIPNTPLHDGAVIMKNNE
IAAAACYLPLSESPFISKELGTRHRAAVGISEVTDSLTIIVSEETGGVSVAKNGDLHRELTEEALKEMLEAEFK
;
_entity_poly.pdbx_strand_id   A,B
#
loop_
_chem_comp.id
_chem_comp.type
_chem_comp.name
_chem_comp.formula
MG non-polymer 'MAGNESIUM ION' 'Mg 2'
RB7 non-polymer N-[(4-bromo-3-methylphenyl)methyl]-2-(methylsulfonyl)ethan-1-amine 'C11 H16 Br N O2 S'
#
# COMPACT_ATOMS: atom_id res chain seq x y z
N THR A 3 8.71 15.40 -22.96
CA THR A 3 9.78 15.60 -21.98
C THR A 3 9.62 14.57 -20.87
N PRO A 4 10.68 14.32 -20.10
CA PRO A 4 10.52 13.45 -18.92
C PRO A 4 9.37 13.84 -18.02
N VAL A 5 9.23 15.13 -17.71
CA VAL A 5 8.16 15.58 -16.82
C VAL A 5 6.79 15.26 -17.42
N GLU A 6 6.65 15.48 -18.73
CA GLU A 6 5.38 15.21 -19.39
C GLU A 6 5.08 13.72 -19.42
N GLU A 7 6.09 12.89 -19.70
CA GLU A 7 5.89 11.44 -19.67
C GLU A 7 5.48 10.99 -18.28
N ALA A 8 6.10 11.55 -17.24
CA ALA A 8 5.77 11.16 -15.88
C ALA A 8 4.33 11.54 -15.53
N GLN A 9 3.90 12.74 -15.93
CA GLN A 9 2.54 13.18 -15.64
C GLN A 9 1.53 12.27 -16.32
N GLN A 10 1.79 11.89 -17.57
CA GLN A 10 0.86 11.01 -18.27
C GLN A 10 0.83 9.62 -17.62
N LYS A 11 1.99 9.12 -17.21
CA LYS A 11 2.01 7.82 -16.52
C LYS A 11 1.16 7.86 -15.27
N THR A 12 1.22 8.96 -14.52
CA THR A 12 0.43 9.07 -13.30
C THR A 12 -1.05 9.17 -13.60
N ILE A 13 -1.42 9.92 -14.65
CA ILE A 13 -2.83 10.00 -15.04
C ILE A 13 -3.35 8.62 -15.43
N GLU A 14 -2.55 7.85 -16.17
CA GLU A 14 -2.98 6.51 -16.55
C GLU A 14 -3.13 5.60 -15.35
N ALA A 15 -2.21 5.71 -14.39
CA ALA A 15 -2.31 4.89 -13.19
C ALA A 15 -3.58 5.22 -12.41
N ILE A 16 -3.89 6.51 -12.31
CA ILE A 16 -5.09 6.93 -11.59
C ILE A 16 -6.34 6.40 -12.29
N THR A 17 -6.44 6.59 -13.61
CA THR A 17 -7.65 6.20 -14.31
C THR A 17 -7.84 4.69 -14.25
N LYS A 18 -6.75 3.92 -14.33
CA LYS A 18 -6.86 2.47 -14.24
C LYS A 18 -7.38 2.05 -12.86
N ALA A 19 -6.88 2.70 -11.80
CA ALA A 19 -7.36 2.36 -10.46
C ALA A 19 -8.81 2.75 -10.28
N ILE A 20 -9.19 3.94 -10.74
CA ILE A 20 -10.58 4.39 -10.61
C ILE A 20 -11.49 3.46 -11.40
N ASN A 21 -11.06 3.02 -12.57
CA ASN A 21 -11.89 2.09 -13.35
C ASN A 21 -12.16 0.82 -12.55
N TYR A 22 -11.12 0.24 -11.95
CA TYR A 22 -11.29 -0.97 -11.16
C TYR A 22 -12.28 -0.76 -10.03
N MET A 23 -12.13 0.35 -9.32
CA MET A 23 -12.97 0.61 -8.16
C MET A 23 -14.40 0.95 -8.56
N ALA A 24 -14.58 1.66 -9.67
CA ALA A 24 -15.93 1.95 -10.13
C ALA A 24 -16.67 0.65 -10.46
N LYS A 25 -15.99 -0.28 -11.13
CA LYS A 25 -16.61 -1.54 -11.51
C LYS A 25 -17.06 -2.35 -10.29
N ARG A 26 -16.29 -2.30 -9.21
CA ARG A 26 -16.55 -3.08 -8.01
C ARG A 26 -17.25 -2.29 -6.92
N ARG A 27 -17.59 -1.03 -7.19
CA ARG A 27 -18.26 -0.17 -6.23
C ARG A 27 -17.50 -0.09 -4.92
N ILE A 28 -16.18 0.11 -5.06
CA ILE A 28 -15.26 0.32 -3.96
C ILE A 28 -15.18 1.83 -3.72
N GLY A 29 -15.59 2.27 -2.54
CA GLY A 29 -15.49 3.69 -2.22
C GLY A 29 -14.05 4.15 -2.20
N ALA A 30 -13.82 5.35 -2.72
CA ALA A 30 -12.47 5.88 -2.78
C ALA A 30 -12.51 7.40 -2.74
N LEU A 31 -11.42 7.97 -2.24
CA LEU A 31 -11.32 9.41 -2.03
C LEU A 31 -9.86 9.76 -2.27
N LEU A 32 -9.59 10.46 -3.37
CA LEU A 32 -8.22 10.69 -3.82
C LEU A 32 -8.06 12.17 -4.15
N THR A 33 -7.28 12.89 -3.35
CA THR A 33 -7.07 14.32 -3.51
C THR A 33 -5.67 14.56 -4.06
N ILE A 34 -5.58 15.39 -5.10
CA ILE A 34 -4.31 15.74 -5.72
C ILE A 34 -4.00 17.17 -5.31
N GLU A 35 -2.96 17.36 -4.50
CA GLU A 35 -2.54 18.68 -4.08
C GLU A 35 -2.05 19.46 -5.29
N ARG A 36 -2.40 20.75 -5.33
CA ARG A 36 -1.99 21.64 -6.41
C ARG A 36 -1.17 22.77 -5.80
N ASP A 37 -1.55 24.03 -6.03
CA ASP A 37 -0.72 25.12 -5.53
C ASP A 37 -0.91 25.38 -4.04
N THR A 38 -2.11 25.11 -3.51
CA THR A 38 -2.35 25.30 -2.09
C THR A 38 -1.79 24.12 -1.32
N GLY A 39 -0.87 24.39 -0.40
CA GLY A 39 -0.27 23.31 0.37
C GLY A 39 -1.27 22.64 1.30
N MET A 40 -1.19 21.32 1.37
CA MET A 40 -2.10 20.54 2.21
C MET A 40 -1.34 19.73 3.26
N GLY A 41 -0.18 20.24 3.68
CA GLY A 41 0.60 19.52 4.68
C GLY A 41 -0.18 19.20 5.94
N ASP A 42 -1.02 20.13 6.39
CA ASP A 42 -1.77 19.90 7.62
C ASP A 42 -2.70 18.69 7.48
N TYR A 43 -3.27 18.48 6.30
CA TYR A 43 -4.13 17.32 6.11
C TYR A 43 -3.31 16.05 5.88
N ILE A 44 -2.20 16.16 5.15
CA ILE A 44 -1.33 15.02 4.94
C ILE A 44 -0.88 14.45 6.27
N GLU A 45 -0.59 15.31 7.23
CA GLU A 45 -0.05 14.86 8.51
C GLU A 45 -1.08 14.09 9.33
N THR A 46 -2.36 14.17 8.99
CA THR A 46 -3.37 13.42 9.73
C THR A 46 -3.43 11.95 9.32
N GLY A 47 -2.81 11.57 8.20
CA GLY A 47 -2.90 10.22 7.69
C GLY A 47 -1.67 9.40 8.02
N ILE A 48 -1.58 8.24 7.36
CA ILE A 48 -0.45 7.34 7.49
C ILE A 48 0.56 7.72 6.42
N PRO A 49 1.80 8.09 6.77
CA PRO A 49 2.78 8.48 5.75
C PRO A 49 3.13 7.31 4.83
N LEU A 50 3.15 7.60 3.54
CA LEU A 50 3.58 6.65 2.52
C LEU A 50 4.74 7.17 1.70
N ASN A 51 4.65 8.37 1.15
CA ASN A 51 5.65 8.90 0.21
C ASN A 51 6.01 7.84 -0.83
N ALA A 52 4.98 7.25 -1.43
CA ALA A 52 5.14 6.10 -2.30
C ALA A 52 5.01 6.47 -3.77
N LYS A 53 5.68 5.70 -4.62
CA LYS A 53 5.47 5.84 -6.06
C LYS A 53 4.04 5.51 -6.40
N VAL A 54 3.48 6.24 -7.37
CA VAL A 54 2.13 5.94 -7.82
C VAL A 54 2.13 4.68 -8.65
N SER A 55 1.15 3.82 -8.40
CA SER A 55 0.84 2.72 -9.31
C SER A 55 -0.65 2.47 -9.18
N SER A 56 -1.26 1.98 -10.26
CA SER A 56 -2.66 1.57 -10.15
C SER A 56 -2.81 0.51 -9.08
N GLU A 57 -1.84 -0.39 -8.99
CA GLU A 57 -1.93 -1.49 -8.04
C GLU A 57 -1.94 -0.98 -6.60
N LEU A 58 -1.05 -0.06 -6.26
CA LEU A 58 -1.05 0.46 -4.89
C LEU A 58 -2.34 1.23 -4.61
N LEU A 59 -2.83 2.02 -5.56
CA LEU A 59 -4.07 2.75 -5.32
C LEU A 59 -5.21 1.78 -5.00
N ILE A 60 -5.34 0.72 -5.79
CA ILE A 60 -6.40 -0.26 -5.55
C ILE A 60 -6.24 -0.90 -4.19
N ASN A 61 -5.01 -1.34 -3.86
CA ASN A 61 -4.81 -2.02 -2.58
C ASN A 61 -5.16 -1.11 -1.40
N ILE A 62 -4.92 0.19 -1.53
CA ILE A 62 -5.20 1.09 -0.42
C ILE A 62 -6.69 1.09 -0.07
N PHE A 63 -7.56 1.08 -1.09
CA PHE A 63 -8.99 1.31 -0.86
C PHE A 63 -9.80 0.03 -0.67
N ILE A 64 -9.15 -1.13 -0.63
CA ILE A 64 -9.94 -2.35 -0.43
C ILE A 64 -10.75 -2.24 0.86
N PRO A 65 -12.05 -2.52 0.86
CA PRO A 65 -12.84 -2.28 2.07
C PRO A 65 -12.36 -3.13 3.23
N ASN A 66 -12.57 -2.59 4.43
CA ASN A 66 -12.29 -3.28 5.69
C ASN A 66 -10.79 -3.46 5.92
N THR A 67 -9.97 -2.58 5.38
CA THR A 67 -8.53 -2.66 5.54
C THR A 67 -8.02 -1.43 6.29
N PRO A 68 -6.81 -1.49 6.85
CA PRO A 68 -6.33 -0.35 7.64
C PRO A 68 -6.31 0.98 6.89
N LEU A 69 -6.08 1.00 5.59
CA LEU A 69 -5.84 2.24 4.88
C LEU A 69 -7.05 2.79 4.13
N HIS A 70 -8.18 2.07 4.11
CA HIS A 70 -9.25 2.40 3.17
C HIS A 70 -10.13 3.56 3.60
N ASP A 71 -10.20 3.89 4.88
CA ASP A 71 -11.08 4.97 5.33
C ASP A 71 -10.28 6.26 5.38
N GLY A 72 -10.80 7.29 4.73
CA GLY A 72 -10.09 8.55 4.62
C GLY A 72 -9.52 8.72 3.23
N ALA A 73 -8.83 9.83 3.05
CA ALA A 73 -8.37 10.24 1.75
C ALA A 73 -6.92 9.85 1.51
N VAL A 74 -6.63 9.46 0.28
CA VAL A 74 -5.27 9.47 -0.23
C VAL A 74 -4.98 10.88 -0.70
N ILE A 75 -3.83 11.42 -0.34
CA ILE A 75 -3.40 12.74 -0.82
C ILE A 75 -2.13 12.54 -1.63
N MET A 76 -2.16 12.98 -2.87
CA MET A 76 -1.01 12.92 -3.75
C MET A 76 -0.36 14.29 -3.83
N LYS A 77 0.97 14.30 -3.90
CA LYS A 77 1.76 15.51 -3.96
C LYS A 77 3.04 15.16 -4.70
N ASN A 78 3.44 16.05 -5.63
CA ASN A 78 4.71 15.89 -6.35
C ASN A 78 4.85 14.50 -6.98
N ASN A 79 3.76 14.01 -7.58
CA ASN A 79 3.76 12.76 -8.34
C ASN A 79 3.98 11.54 -7.46
N GLU A 80 3.65 11.64 -6.18
CA GLU A 80 3.77 10.53 -5.24
C GLU A 80 2.51 10.50 -4.39
N ILE A 81 2.26 9.34 -3.78
CA ILE A 81 1.21 9.20 -2.79
C ILE A 81 1.81 9.62 -1.46
N ALA A 82 1.43 10.79 -0.95
CA ALA A 82 2.05 11.30 0.28
C ALA A 82 1.57 10.52 1.49
N ALA A 83 0.27 10.27 1.59
CA ALA A 83 -0.29 9.63 2.76
C ALA A 83 -1.65 9.08 2.41
N ALA A 84 -2.10 8.13 3.23
CA ALA A 84 -3.42 7.54 3.09
C ALA A 84 -4.18 7.67 4.40
N ALA A 85 -5.49 7.48 4.34
CA ALA A 85 -6.33 7.54 5.53
C ALA A 85 -6.29 8.92 6.16
N CYS A 86 -6.24 9.96 5.32
CA CYS A 86 -6.17 11.32 5.81
C CYS A 86 -7.55 11.91 6.05
N TYR A 87 -7.62 12.82 7.01
CA TYR A 87 -8.82 13.60 7.27
C TYR A 87 -8.91 14.74 6.27
N LEU A 88 -10.15 15.01 5.81
CA LEU A 88 -10.48 16.19 5.02
C LEU A 88 -11.70 16.83 5.67
N PRO A 89 -11.83 18.15 5.57
CA PRO A 89 -12.96 18.82 6.21
C PRO A 89 -14.26 18.55 5.46
N LEU A 90 -15.33 18.35 6.22
CA LEU A 90 -16.63 18.10 5.61
C LEU A 90 -17.29 19.41 5.18
N SER A 91 -17.73 19.47 3.93
CA SER A 91 -18.47 20.64 3.46
C SER A 91 -19.80 20.75 4.16
N GLU A 92 -20.23 21.99 4.42
CA GLU A 92 -21.57 22.30 4.88
C GLU A 92 -22.42 22.88 3.76
N SER A 93 -21.99 22.73 2.51
CA SER A 93 -22.72 23.30 1.40
C SER A 93 -24.10 22.65 1.32
N PRO A 94 -25.17 23.44 1.21
CA PRO A 94 -26.50 22.84 1.05
C PRO A 94 -26.80 22.38 -0.36
N PHE A 95 -25.84 22.46 -1.28
CA PHE A 95 -26.06 22.20 -2.70
C PHE A 95 -25.41 20.90 -3.16
N ILE A 96 -25.07 20.02 -2.23
CA ILE A 96 -24.60 18.68 -2.56
C ILE A 96 -25.81 17.77 -2.52
N SER A 97 -25.92 16.89 -3.53
CA SER A 97 -27.04 15.96 -3.59
C SER A 97 -27.18 15.22 -2.26
N LYS A 98 -28.40 15.22 -1.73
CA LYS A 98 -28.61 14.76 -0.36
C LYS A 98 -28.42 13.26 -0.19
N GLU A 99 -28.43 12.50 -1.29
CA GLU A 99 -28.20 11.06 -1.21
C GLU A 99 -26.72 10.70 -1.08
N LEU A 100 -25.83 11.68 -1.18
CA LEU A 100 -24.41 11.40 -1.09
C LEU A 100 -23.93 11.50 0.34
N GLY A 101 -22.89 10.73 0.66
CA GLY A 101 -22.41 10.62 2.02
C GLY A 101 -21.09 11.31 2.30
N THR A 102 -20.36 10.75 3.27
CA THR A 102 -19.25 11.47 3.89
C THR A 102 -18.09 11.70 2.92
N ARG A 103 -17.77 10.71 2.09
CA ARG A 103 -16.64 10.86 1.18
C ARG A 103 -16.85 12.05 0.25
N HIS A 104 -18.09 12.21 -0.25
CA HIS A 104 -18.37 13.31 -1.16
C HIS A 104 -18.32 14.66 -0.44
N ARG A 105 -18.85 14.72 0.78
CA ARG A 105 -18.80 15.98 1.53
C ARG A 105 -17.37 16.33 1.90
N ALA A 106 -16.54 15.33 2.21
CA ALA A 106 -15.12 15.59 2.49
C ALA A 106 -14.42 16.11 1.25
N ALA A 107 -14.70 15.53 0.09
CA ALA A 107 -14.10 16.00 -1.15
C ALA A 107 -14.49 17.44 -1.44
N VAL A 108 -15.78 17.75 -1.35
CA VAL A 108 -16.19 19.13 -1.57
C VAL A 108 -15.56 20.05 -0.52
N GLY A 109 -15.50 19.59 0.73
CA GLY A 109 -14.93 20.41 1.80
C GLY A 109 -13.50 20.84 1.54
N ILE A 110 -12.65 19.89 1.16
CA ILE A 110 -11.27 20.28 0.88
C ILE A 110 -11.19 21.19 -0.36
N SER A 111 -12.08 20.97 -1.33
CA SER A 111 -12.10 21.79 -2.55
C SER A 111 -12.56 23.21 -2.29
N GLU A 112 -13.18 23.48 -1.14
CA GLU A 112 -13.60 24.81 -0.78
C GLU A 112 -12.48 25.67 -0.21
N VAL A 113 -11.41 25.05 0.29
CA VAL A 113 -10.33 25.77 0.95
C VAL A 113 -8.97 25.50 0.30
N THR A 114 -8.96 24.83 -0.85
CA THR A 114 -7.74 24.59 -1.60
C THR A 114 -8.10 24.59 -3.08
N ASP A 115 -7.06 24.66 -3.92
CA ASP A 115 -7.22 24.49 -5.36
C ASP A 115 -7.01 23.05 -5.80
N SER A 116 -7.16 22.10 -4.89
CA SER A 116 -6.89 20.71 -5.20
C SER A 116 -8.01 20.13 -6.07
N LEU A 117 -7.72 18.97 -6.66
CA LEU A 117 -8.71 18.20 -7.41
C LEU A 117 -8.89 16.88 -6.68
N THR A 118 -10.13 16.54 -6.34
CA THR A 118 -10.41 15.30 -5.61
C THR A 118 -11.31 14.43 -6.47
N ILE A 119 -10.96 13.15 -6.55
CA ILE A 119 -11.75 12.13 -7.22
C ILE A 119 -12.45 11.30 -6.16
N ILE A 120 -13.74 11.03 -6.39
CA ILE A 120 -14.52 10.20 -5.46
C ILE A 120 -15.14 9.06 -6.25
N VAL A 121 -15.04 7.84 -5.70
CA VAL A 121 -15.84 6.71 -6.19
C VAL A 121 -16.89 6.40 -5.13
N SER A 122 -18.14 6.29 -5.56
CA SER A 122 -19.22 5.98 -4.65
C SER A 122 -19.26 4.49 -4.35
N GLU A 123 -19.32 4.17 -3.06
CA GLU A 123 -19.50 2.77 -2.67
C GLU A 123 -20.91 2.27 -2.95
N GLU A 124 -21.86 3.17 -3.17
CA GLU A 124 -23.24 2.76 -3.44
C GLU A 124 -23.48 2.43 -4.90
N THR A 125 -22.88 3.21 -5.82
CA THR A 125 -23.17 3.07 -7.24
C THR A 125 -21.94 2.82 -8.09
N GLY A 126 -20.74 3.00 -7.55
CA GLY A 126 -19.56 3.02 -8.36
C GLY A 126 -19.43 4.25 -9.23
N GLY A 127 -20.34 5.22 -9.10
CA GLY A 127 -20.22 6.44 -9.87
C GLY A 127 -19.00 7.22 -9.46
N VAL A 128 -18.42 7.91 -10.44
CA VAL A 128 -17.19 8.66 -10.26
C VAL A 128 -17.51 10.15 -10.32
N SER A 129 -16.96 10.91 -9.39
CA SER A 129 -17.17 12.35 -9.37
C SER A 129 -15.86 13.05 -9.04
N VAL A 130 -15.82 14.36 -9.30
CA VAL A 130 -14.65 15.17 -9.00
C VAL A 130 -15.11 16.43 -8.29
N ALA A 131 -14.39 16.80 -7.24
CA ALA A 131 -14.63 18.04 -6.51
C ALA A 131 -13.51 19.03 -6.78
N LYS A 132 -13.89 20.25 -7.12
CA LYS A 132 -12.95 21.33 -7.34
C LYS A 132 -13.69 22.64 -7.13
N ASN A 133 -13.04 23.59 -6.46
CA ASN A 133 -13.57 24.95 -6.29
C ASN A 133 -14.91 24.98 -5.55
N GLY A 134 -15.25 23.94 -4.77
CA GLY A 134 -16.50 23.92 -4.05
C GLY A 134 -17.64 23.24 -4.76
N ASP A 135 -17.43 22.77 -5.99
CA ASP A 135 -18.45 22.10 -6.76
C ASP A 135 -18.09 20.64 -6.97
N LEU A 136 -19.12 19.83 -7.11
CA LEU A 136 -19.00 18.40 -7.33
C LEU A 136 -19.54 18.11 -8.73
N HIS A 137 -18.70 17.51 -9.55
CA HIS A 137 -19.05 17.11 -10.90
C HIS A 137 -19.31 15.61 -10.91
N ARG A 138 -20.56 15.24 -11.13
CA ARG A 138 -21.02 13.88 -10.88
C ARG A 138 -21.12 13.06 -12.16
N GLU A 139 -21.14 11.74 -11.96
CA GLU A 139 -21.46 10.78 -13.01
C GLU A 139 -20.55 10.96 -14.22
N LEU A 140 -19.25 10.95 -13.97
CA LEU A 140 -18.27 11.13 -15.03
C LEU A 140 -18.01 9.84 -15.77
N THR A 141 -17.84 9.97 -17.09
CA THR A 141 -17.31 8.90 -17.91
C THR A 141 -15.79 8.85 -17.74
N GLU A 142 -15.19 7.76 -18.23
CA GLU A 142 -13.74 7.66 -18.20
C GLU A 142 -13.09 8.79 -18.99
N GLU A 143 -13.66 9.11 -20.15
CA GLU A 143 -13.11 10.19 -20.96
C GLU A 143 -13.22 11.54 -20.25
N ALA A 144 -14.32 11.76 -19.52
CA ALA A 144 -14.49 13.00 -18.78
C ALA A 144 -13.45 13.14 -17.67
N LEU A 145 -13.20 12.05 -16.93
CA LEU A 145 -12.20 12.11 -15.88
C LEU A 145 -10.82 12.41 -16.46
N LYS A 146 -10.48 11.73 -17.55
CA LYS A 146 -9.19 11.96 -18.18
C LYS A 146 -9.04 13.41 -18.63
N GLU A 147 -10.11 13.97 -19.22
CA GLU A 147 -10.05 15.37 -19.64
C GLU A 147 -9.79 16.28 -18.45
N MET A 148 -10.44 16.00 -17.32
CA MET A 148 -10.24 16.83 -16.14
C MET A 148 -8.82 16.72 -15.61
N LEU A 149 -8.27 15.50 -15.56
CA LEU A 149 -6.91 15.34 -15.08
C LEU A 149 -5.91 16.01 -16.01
N GLU A 150 -6.12 15.90 -17.33
CA GLU A 150 -5.22 16.58 -18.27
C GLU A 150 -5.37 18.09 -18.17
N ALA A 151 -6.60 18.58 -18.02
CA ALA A 151 -6.79 20.02 -17.88
C ALA A 151 -6.11 20.52 -16.61
N GLU A 152 -6.22 19.76 -15.53
CA GLU A 152 -5.61 20.13 -14.27
C GLU A 152 -4.09 20.15 -14.37
N THR B 3 20.26 6.56 19.11
CA THR B 3 20.47 7.35 17.90
C THR B 3 19.24 7.30 16.99
N PRO B 4 19.07 8.31 16.13
CA PRO B 4 17.95 8.25 15.18
C PRO B 4 17.91 6.97 14.37
N VAL B 5 19.06 6.49 13.91
CA VAL B 5 19.12 5.24 13.16
C VAL B 5 18.54 4.11 13.99
N GLU B 6 18.93 4.02 15.27
CA GLU B 6 18.43 2.95 16.12
C GLU B 6 16.93 3.10 16.38
N GLU B 7 16.47 4.33 16.60
CA GLU B 7 15.04 4.54 16.82
C GLU B 7 14.23 4.17 15.58
N ALA B 8 14.73 4.55 14.39
CA ALA B 8 14.03 4.17 13.17
C ALA B 8 13.97 2.66 13.03
N GLN B 9 15.07 1.96 13.34
CA GLN B 9 15.05 0.51 13.29
C GLN B 9 14.00 -0.06 14.23
N GLN B 10 13.89 0.49 15.43
CA GLN B 10 12.91 -0.01 16.39
C GLN B 10 11.49 0.20 15.87
N LYS B 11 11.23 1.35 15.26
CA LYS B 11 9.89 1.61 14.70
C LYS B 11 9.59 0.65 13.55
N THR B 12 10.58 0.37 12.71
CA THR B 12 10.37 -0.56 11.61
C THR B 12 10.06 -1.97 12.13
N ILE B 13 10.81 -2.42 13.15
CA ILE B 13 10.56 -3.74 13.74
C ILE B 13 9.16 -3.81 14.33
N GLU B 14 8.76 -2.77 15.06
CA GLU B 14 7.41 -2.77 15.63
C GLU B 14 6.35 -2.78 14.53
N ALA B 15 6.57 -2.05 13.44
CA ALA B 15 5.61 -2.06 12.34
C ALA B 15 5.50 -3.45 11.73
N ILE B 16 6.64 -4.12 11.54
CA ILE B 16 6.64 -5.46 10.95
C ILE B 16 5.91 -6.44 11.86
N THR B 17 6.28 -6.44 13.14
CA THR B 17 5.70 -7.42 14.06
C THR B 17 4.20 -7.20 14.20
N LYS B 18 3.74 -5.94 14.23
CA LYS B 18 2.31 -5.68 14.32
C LYS B 18 1.58 -6.21 13.10
N ALA B 19 2.16 -6.01 11.91
CA ALA B 19 1.54 -6.50 10.69
C ALA B 19 1.52 -8.02 10.65
N ILE B 20 2.63 -8.65 11.01
CA ILE B 20 2.70 -10.11 10.98
C ILE B 20 1.68 -10.71 11.94
N ASN B 21 1.56 -10.13 13.14
N ASN B 21 1.56 -10.14 13.14
CA ASN B 21 0.59 -10.64 14.11
CA ASN B 21 0.59 -10.65 14.10
C ASN B 21 -0.83 -10.54 13.58
C ASN B 21 -0.82 -10.55 13.54
N TYR B 22 -1.15 -9.42 12.92
CA TYR B 22 -2.48 -9.25 12.35
C TYR B 22 -2.76 -10.30 11.28
N MET B 23 -1.80 -10.52 10.40
CA MET B 23 -2.02 -11.46 9.31
C MET B 23 -2.03 -12.90 9.81
N ALA B 24 -1.20 -13.23 10.80
CA ALA B 24 -1.22 -14.58 11.35
C ALA B 24 -2.59 -14.91 11.94
N LYS B 25 -3.15 -13.99 12.71
CA LYS B 25 -4.45 -14.23 13.34
C LYS B 25 -5.53 -14.46 12.29
N ARG B 26 -5.45 -13.76 11.17
CA ARG B 26 -6.47 -13.84 10.12
C ARG B 26 -6.09 -14.79 8.99
N ARG B 27 -4.98 -15.50 9.11
CA ARG B 27 -4.56 -16.47 8.10
C ARG B 27 -4.37 -15.79 6.75
N ILE B 28 -3.80 -14.58 6.77
CA ILE B 28 -3.46 -13.86 5.56
C ILE B 28 -2.04 -14.26 5.18
N GLY B 29 -1.89 -14.94 4.06
CA GLY B 29 -0.57 -15.38 3.63
C GLY B 29 0.30 -14.18 3.31
N ALA B 30 1.57 -14.27 3.69
CA ALA B 30 2.46 -13.14 3.48
C ALA B 30 3.88 -13.63 3.30
N LEU B 31 4.66 -12.84 2.56
CA LEU B 31 6.03 -13.19 2.22
C LEU B 31 6.80 -11.88 2.21
N LEU B 32 7.68 -11.69 3.19
CA LEU B 32 8.29 -10.39 3.45
C LEU B 32 9.79 -10.60 3.64
N THR B 33 10.58 -10.12 2.68
CA THR B 33 12.03 -10.26 2.71
C THR B 33 12.68 -8.94 3.09
N ILE B 34 13.56 -8.99 4.07
CA ILE B 34 14.31 -7.82 4.53
C ILE B 34 15.72 -7.94 3.97
N GLU B 35 16.07 -7.04 3.06
CA GLU B 35 17.40 -7.00 2.48
C GLU B 35 18.40 -6.66 3.56
N ARG B 36 19.56 -7.33 3.51
CA ARG B 36 20.65 -7.08 4.45
C ARG B 36 21.85 -6.57 3.66
N ASP B 37 23.00 -7.23 3.75
CA ASP B 37 24.19 -6.71 3.08
C ASP B 37 24.30 -7.17 1.64
N THR B 38 23.67 -8.28 1.26
CA THR B 38 23.65 -8.71 -0.13
C THR B 38 22.51 -7.97 -0.84
N GLY B 39 22.87 -7.16 -1.83
CA GLY B 39 21.86 -6.37 -2.50
C GLY B 39 20.90 -7.23 -3.29
N MET B 40 19.63 -6.85 -3.28
CA MET B 40 18.58 -7.63 -3.91
C MET B 40 17.91 -6.89 -5.06
N GLY B 41 18.65 -5.96 -5.67
CA GLY B 41 18.06 -5.14 -6.72
C GLY B 41 17.43 -5.95 -7.84
N ASP B 42 18.08 -7.05 -8.23
CA ASP B 42 17.56 -7.87 -9.32
C ASP B 42 16.16 -8.37 -9.01
N TYR B 43 15.90 -8.69 -7.75
CA TYR B 43 14.59 -9.19 -7.36
C TYR B 43 13.60 -8.06 -7.13
N ILE B 44 14.08 -6.96 -6.54
CA ILE B 44 13.23 -5.78 -6.35
C ILE B 44 12.67 -5.33 -7.69
N GLU B 45 13.49 -5.38 -8.74
CA GLU B 45 13.09 -4.87 -10.05
C GLU B 45 12.03 -5.74 -10.73
N THR B 46 11.76 -6.95 -10.22
CA THR B 46 10.72 -7.77 -10.81
C THR B 46 9.33 -7.40 -10.30
N GLY B 47 9.23 -6.60 -9.24
CA GLY B 47 7.97 -6.28 -8.61
C GLY B 47 7.44 -4.92 -9.04
N ILE B 48 6.40 -4.49 -8.33
CA ILE B 48 5.81 -3.16 -8.52
C ILE B 48 6.55 -2.20 -7.59
N PRO B 49 7.18 -1.15 -8.10
CA PRO B 49 7.93 -0.23 -7.21
C PRO B 49 6.99 0.53 -6.30
N LEU B 50 7.37 0.59 -5.02
CA LEU B 50 6.68 1.42 -4.04
C LEU B 50 7.60 2.47 -3.43
N ASN B 51 8.77 2.07 -2.98
CA ASN B 51 9.70 2.95 -2.30
C ASN B 51 8.99 3.74 -1.21
N ALA B 52 8.18 3.03 -0.42
CA ALA B 52 7.28 3.64 0.54
C ALA B 52 7.81 3.54 1.95
N LYS B 53 7.45 4.51 2.78
CA LYS B 53 7.72 4.42 4.21
C LYS B 53 6.99 3.22 4.80
N VAL B 54 7.66 2.53 5.73
CA VAL B 54 7.04 1.37 6.34
C VAL B 54 5.92 1.81 7.28
N SER B 55 4.85 1.03 7.28
CA SER B 55 3.83 1.10 8.33
C SER B 55 3.20 -0.28 8.42
N SER B 56 2.68 -0.60 9.61
CA SER B 56 1.95 -1.86 9.74
C SER B 56 0.75 -1.84 8.81
N GLU B 57 0.10 -0.67 8.68
CA GLU B 57 -1.09 -0.55 7.85
C GLU B 57 -0.79 -0.86 6.39
N LEU B 58 0.30 -0.31 5.86
CA LEU B 58 0.62 -0.58 4.46
C LEU B 58 0.98 -2.05 4.25
N LEU B 59 1.76 -2.64 5.16
CA LEU B 59 2.09 -4.06 5.01
C LEU B 59 0.83 -4.90 4.97
N ILE B 60 -0.10 -4.65 5.88
CA ILE B 60 -1.35 -5.41 5.89
C ILE B 60 -2.09 -5.22 4.58
N ASN B 61 -2.25 -3.96 4.15
CA ASN B 61 -3.00 -3.69 2.93
C ASN B 61 -2.39 -4.39 1.72
N ILE B 62 -1.06 -4.52 1.68
CA ILE B 62 -0.43 -5.16 0.52
C ILE B 62 -0.87 -6.60 0.37
N PHE B 63 -0.97 -7.34 1.48
CA PHE B 63 -1.15 -8.78 1.41
C PHE B 63 -2.60 -9.24 1.46
N ILE B 64 -3.56 -8.31 1.46
CA ILE B 64 -4.97 -8.74 1.49
C ILE B 64 -5.23 -9.68 0.31
N PRO B 65 -5.84 -10.85 0.52
CA PRO B 65 -5.98 -11.79 -0.59
C PRO B 65 -6.76 -11.20 -1.76
N ASN B 66 -6.40 -11.66 -2.95
CA ASN B 66 -7.13 -11.36 -4.18
C ASN B 66 -6.98 -9.90 -4.62
N THR B 67 -5.88 -9.25 -4.23
CA THR B 67 -5.63 -7.87 -4.59
C THR B 67 -4.41 -7.77 -5.51
N PRO B 68 -4.25 -6.63 -6.21
CA PRO B 68 -3.13 -6.54 -7.17
C PRO B 68 -1.76 -6.80 -6.58
N LEU B 69 -1.50 -6.46 -5.32
CA LEU B 69 -0.15 -6.50 -4.76
C LEU B 69 0.13 -7.76 -3.94
N HIS B 70 -0.83 -8.65 -3.76
CA HIS B 70 -0.68 -9.71 -2.77
C HIS B 70 0.17 -10.89 -3.25
N ASP B 71 0.33 -11.09 -4.56
CA ASP B 71 0.95 -12.30 -5.08
C ASP B 71 2.44 -12.03 -5.31
N GLY B 72 3.27 -12.57 -4.43
CA GLY B 72 4.71 -12.40 -4.51
C GLY B 72 5.25 -11.82 -3.24
N ALA B 73 6.53 -11.50 -3.27
CA ALA B 73 7.23 -11.03 -2.09
C ALA B 73 7.23 -9.50 -2.01
N VAL B 74 7.08 -9.00 -0.79
CA VAL B 74 7.48 -7.64 -0.46
C VAL B 74 8.95 -7.67 -0.10
N ILE B 75 9.73 -6.73 -0.65
CA ILE B 75 11.15 -6.62 -0.31
C ILE B 75 11.35 -5.27 0.34
N MET B 76 11.88 -5.28 1.55
CA MET B 76 12.18 -4.08 2.30
C MET B 76 13.67 -3.78 2.23
N LYS B 77 13.97 -2.49 2.10
CA LYS B 77 15.32 -1.96 2.17
C LYS B 77 15.33 -1.00 3.35
N ASN B 78 16.07 -1.37 4.40
CA ASN B 78 16.10 -0.63 5.66
C ASN B 78 14.69 -0.28 6.13
N ASN B 79 14.33 1.00 6.08
CA ASN B 79 13.06 1.47 6.62
C ASN B 79 12.05 1.79 5.53
N GLU B 80 12.20 1.16 4.37
CA GLU B 80 11.27 1.38 3.27
C GLU B 80 10.80 0.05 2.70
N ILE B 81 9.57 0.04 2.23
CA ILE B 81 9.07 -1.04 1.39
C ILE B 81 9.47 -0.72 -0.04
N ALA B 82 10.46 -1.43 -0.58
CA ALA B 82 10.99 -1.09 -1.89
C ALA B 82 10.01 -1.47 -3.01
N ALA B 83 9.47 -2.68 -2.95
CA ALA B 83 8.59 -3.17 -3.98
C ALA B 83 7.75 -4.30 -3.41
N ALA B 84 6.63 -4.54 -4.07
CA ALA B 84 5.72 -5.63 -3.73
C ALA B 84 5.52 -6.51 -4.95
N ALA B 85 4.97 -7.71 -4.73
CA ALA B 85 4.70 -8.66 -5.81
C ALA B 85 5.98 -9.04 -6.55
N CYS B 86 7.07 -9.19 -5.81
CA CYS B 86 8.36 -9.53 -6.41
C CYS B 86 8.53 -11.04 -6.55
N TYR B 87 9.29 -11.42 -7.56
CA TYR B 87 9.72 -12.80 -7.74
C TYR B 87 10.93 -13.10 -6.85
N LEU B 88 10.94 -14.30 -6.28
CA LEU B 88 12.07 -14.87 -5.58
C LEU B 88 12.27 -16.28 -6.13
N PRO B 89 13.51 -16.79 -6.11
CA PRO B 89 13.77 -18.13 -6.63
C PRO B 89 13.27 -19.19 -5.66
N LEU B 90 12.83 -20.32 -6.22
CA LEU B 90 12.29 -21.41 -5.43
C LEU B 90 13.41 -22.36 -5.00
N SER B 91 13.47 -22.63 -3.70
CA SER B 91 14.42 -23.60 -3.18
C SER B 91 13.98 -25.02 -3.51
N GLU B 92 14.97 -25.89 -3.76
CA GLU B 92 14.76 -27.32 -3.88
C GLU B 92 15.27 -28.08 -2.66
N SER B 93 15.43 -27.38 -1.55
CA SER B 93 15.96 -28.03 -0.35
C SER B 93 15.00 -29.11 0.13
N PRO B 94 15.52 -30.29 0.50
CA PRO B 94 14.66 -31.33 1.05
C PRO B 94 14.23 -31.10 2.49
N PHE B 95 14.72 -30.04 3.13
CA PHE B 95 14.37 -29.73 4.52
C PHE B 95 13.22 -28.74 4.62
N ILE B 96 12.49 -28.53 3.55
CA ILE B 96 11.25 -27.76 3.57
C ILE B 96 10.10 -28.77 3.72
N SER B 97 9.32 -28.62 4.79
CA SER B 97 8.23 -29.54 5.06
C SER B 97 7.39 -29.74 3.80
N LYS B 98 7.07 -31.01 3.51
CA LYS B 98 6.44 -31.33 2.23
C LYS B 98 5.09 -30.63 2.05
N GLU B 99 4.39 -30.34 3.14
CA GLU B 99 3.08 -29.73 3.02
C GLU B 99 3.12 -28.25 2.68
N LEU B 100 4.30 -27.63 2.72
CA LEU B 100 4.39 -26.19 2.51
C LEU B 100 4.38 -25.84 1.03
N GLY B 101 3.84 -24.68 0.72
CA GLY B 101 3.66 -24.23 -0.63
C GLY B 101 4.72 -23.24 -1.10
N THR B 102 4.35 -22.47 -2.13
CA THR B 102 5.35 -21.70 -2.87
C THR B 102 5.95 -20.57 -2.05
N ARG B 103 5.18 -19.94 -1.17
CA ARG B 103 5.74 -18.83 -0.38
C ARG B 103 6.95 -19.31 0.43
N HIS B 104 6.83 -20.47 1.09
CA HIS B 104 7.93 -20.96 1.91
C HIS B 104 9.13 -21.36 1.05
N ARG B 105 8.88 -21.97 -0.10
CA ARG B 105 9.97 -22.36 -0.98
C ARG B 105 10.67 -21.14 -1.57
N ALA B 106 9.92 -20.09 -1.89
CA ALA B 106 10.52 -18.83 -2.35
C ALA B 106 11.37 -18.19 -1.25
N ALA B 107 10.87 -18.20 -0.02
CA ALA B 107 11.63 -17.64 1.10
C ALA B 107 12.94 -18.37 1.29
N VAL B 108 12.91 -19.70 1.34
CA VAL B 108 14.16 -20.43 1.49
C VAL B 108 15.06 -20.18 0.28
N GLY B 109 14.46 -20.07 -0.91
CA GLY B 109 15.26 -19.86 -2.11
C GLY B 109 16.07 -18.57 -2.08
N ILE B 110 15.44 -17.46 -1.70
CA ILE B 110 16.21 -16.22 -1.61
C ILE B 110 17.23 -16.29 -0.48
N SER B 111 16.91 -17.02 0.59
CA SER B 111 17.83 -17.13 1.72
C SER B 111 19.07 -17.93 1.38
N GLU B 112 19.04 -18.70 0.29
CA GLU B 112 20.20 -19.48 -0.13
C GLU B 112 21.22 -18.66 -0.92
N VAL B 113 20.83 -17.48 -1.44
CA VAL B 113 21.70 -16.71 -2.31
C VAL B 113 21.88 -15.29 -1.79
N THR B 114 21.38 -15.02 -0.59
CA THR B 114 21.53 -13.72 0.05
C THR B 114 21.60 -13.93 1.55
N ASP B 115 22.03 -12.88 2.26
CA ASP B 115 21.98 -12.86 3.72
C ASP B 115 20.68 -12.24 4.23
N SER B 116 19.63 -12.20 3.40
CA SER B 116 18.40 -11.57 3.81
C SER B 116 17.67 -12.43 4.86
N LEU B 117 16.74 -11.79 5.55
CA LEU B 117 15.82 -12.48 6.46
C LEU B 117 14.42 -12.37 5.87
N THR B 118 13.76 -13.51 5.69
CA THR B 118 12.42 -13.53 5.11
C THR B 118 11.43 -14.09 6.12
N ILE B 119 10.31 -13.41 6.28
CA ILE B 119 9.23 -13.84 7.15
C ILE B 119 8.10 -14.36 6.27
N ILE B 120 7.50 -15.49 6.67
CA ILE B 120 6.39 -16.09 5.96
C ILE B 120 5.22 -16.29 6.92
N VAL B 121 4.03 -15.90 6.51
CA VAL B 121 2.80 -16.26 7.21
C VAL B 121 2.07 -17.29 6.34
N SER B 122 1.73 -18.44 6.94
CA SER B 122 1.02 -19.46 6.21
C SER B 122 -0.46 -19.13 6.15
N GLU B 123 -1.03 -19.14 4.94
CA GLU B 123 -2.47 -18.97 4.80
C GLU B 123 -3.24 -20.21 5.21
N GLU B 124 -2.57 -21.35 5.37
CA GLU B 124 -3.25 -22.56 5.80
C GLU B 124 -3.42 -22.58 7.32
N THR B 125 -2.37 -22.24 8.06
CA THR B 125 -2.38 -22.42 9.50
C THR B 125 -2.23 -21.13 10.29
N GLY B 126 -1.79 -20.04 9.67
CA GLY B 126 -1.44 -18.85 10.41
C GLY B 126 -0.07 -18.91 11.04
N GLY B 127 0.63 -20.03 10.91
CA GLY B 127 1.96 -20.13 11.49
C GLY B 127 2.92 -19.17 10.84
N VAL B 128 3.87 -18.70 11.64
CA VAL B 128 4.88 -17.73 11.19
C VAL B 128 6.22 -18.44 11.15
N SER B 129 6.96 -18.25 10.06
CA SER B 129 8.28 -18.85 9.92
C SER B 129 9.25 -17.80 9.39
N VAL B 130 10.54 -18.11 9.53
CA VAL B 130 11.61 -17.26 9.02
C VAL B 130 12.58 -18.12 8.23
N ALA B 131 13.03 -17.61 7.07
CA ALA B 131 14.06 -18.25 6.28
C ALA B 131 15.32 -17.41 6.33
N LYS B 132 16.43 -18.06 6.64
CA LYS B 132 17.72 -17.38 6.71
C LYS B 132 18.80 -18.42 6.44
N ASN B 133 19.73 -18.08 5.55
CA ASN B 133 20.92 -18.90 5.30
C ASN B 133 20.53 -20.33 4.90
N GLY B 134 19.43 -20.46 4.15
CA GLY B 134 19.01 -21.74 3.64
C GLY B 134 18.18 -22.59 4.58
N ASP B 135 17.90 -22.11 5.79
CA ASP B 135 17.15 -22.86 6.80
C ASP B 135 15.80 -22.20 7.02
N LEU B 136 14.77 -23.01 7.21
CA LEU B 136 13.45 -22.52 7.55
C LEU B 136 13.16 -22.84 9.01
N HIS B 137 12.80 -21.83 9.78
CA HIS B 137 12.49 -21.93 11.20
C HIS B 137 11.00 -21.67 11.37
N ARG B 138 10.26 -22.69 11.79
CA ARG B 138 8.80 -22.65 11.74
C ARG B 138 8.17 -22.40 13.11
N GLU B 139 6.87 -22.08 13.07
CA GLU B 139 6.02 -22.01 14.25
C GLU B 139 6.58 -21.06 15.31
N LEU B 140 6.99 -19.88 14.87
CA LEU B 140 7.60 -18.92 15.78
C LEU B 140 6.55 -18.23 16.63
N THR B 141 6.90 -18.00 17.89
CA THR B 141 6.12 -17.14 18.75
C THR B 141 6.39 -15.69 18.39
N GLU B 142 5.50 -14.81 18.85
N GLU B 142 5.49 -14.81 18.85
CA GLU B 142 5.71 -13.39 18.63
CA GLU B 142 5.71 -13.38 18.63
C GLU B 142 7.04 -12.94 19.24
C GLU B 142 7.04 -12.95 19.24
N GLU B 143 7.34 -13.43 20.45
CA GLU B 143 8.59 -13.05 21.10
C GLU B 143 9.79 -13.53 20.31
N ALA B 144 9.73 -14.74 19.76
CA ALA B 144 10.85 -15.27 18.98
C ALA B 144 11.08 -14.45 17.72
N LEU B 145 10.00 -14.06 17.03
CA LEU B 145 10.17 -13.27 15.82
C LEU B 145 10.80 -11.92 16.14
N LYS B 146 10.32 -11.26 17.19
CA LYS B 146 10.85 -9.94 17.54
C LYS B 146 12.33 -10.02 17.89
N GLU B 147 12.73 -11.07 18.62
CA GLU B 147 14.13 -11.23 18.98
C GLU B 147 14.99 -11.48 17.74
N MET B 148 14.49 -12.28 16.80
CA MET B 148 15.22 -12.50 15.56
C MET B 148 15.41 -11.18 14.81
N LEU B 149 14.35 -10.38 14.72
CA LEU B 149 14.45 -9.11 14.01
C LEU B 149 15.42 -8.17 14.72
N GLU B 150 15.33 -8.09 16.05
CA GLU B 150 16.24 -7.22 16.78
C GLU B 150 17.69 -7.66 16.62
N ALA B 151 17.93 -8.97 16.62
CA ALA B 151 19.30 -9.47 16.42
C ALA B 151 19.79 -9.19 15.01
N GLU B 152 18.87 -9.26 14.04
CA GLU B 152 19.24 -9.00 12.64
C GLU B 152 19.68 -7.55 12.44
N PHE B 153 19.35 -6.65 13.37
CA PHE B 153 19.73 -5.25 13.25
C PHE B 153 20.71 -4.84 14.35
C4 RB7 C . -15.65 3.61 -15.86
C5 RB7 C . -14.33 3.90 -15.59
C6 RB7 C . -13.98 5.16 -15.15
C7 RB7 C . -18.07 4.26 -15.99
C8 RB7 C . -19.85 2.88 -15.26
C9 RB7 C . -20.93 2.93 -14.18
C10 RB7 C . -22.37 2.11 -16.67
O1 RB7 C . -23.27 1.62 -14.15
S RB7 C . -22.56 2.62 -14.94
O RB7 C . -23.41 3.80 -14.81
N RB7 C . -18.69 3.65 -14.84
C3 RB7 C . -16.61 4.59 -15.69
C2 RB7 C . -16.27 5.85 -15.24
BR RB7 C . -12.13 5.56 -14.74
C1 RB7 C . -14.93 6.14 -14.97
C RB7 C . -14.54 7.53 -14.48
C4 RB7 D . 1.50 -14.32 17.17
C5 RB7 D . 2.01 -13.12 16.73
C6 RB7 D . 3.21 -13.10 16.04
C7 RB7 D . 1.57 -16.82 17.40
C8 RB7 D . 0.57 -18.77 16.60
C9 RB7 D . -0.86 -19.34 16.60
C10 RB7 D . -1.42 -17.97 14.05
O1 RB7 D . -0.75 -20.62 14.15
S RB7 D . -1.44 -19.56 14.90
O RB7 D . -2.81 -20.08 14.94
N RB7 D . 0.56 -17.33 16.50
C3 RB7 D . 2.16 -15.50 16.91
C2 RB7 D . 3.36 -15.49 16.22
BR RB7 D . 3.95 -11.42 15.42
C1 RB7 D . 3.88 -14.28 15.78
C RB7 D . 5.20 -14.27 15.01
MG MG E . 9.49 -25.60 16.79
#